data_8SBQ
#
_entry.id   8SBQ
#
_cell.length_a   46.936
_cell.length_b   74.574
_cell.length_c   73.862
_cell.angle_alpha   90.00
_cell.angle_beta   91.53
_cell.angle_gamma   90.00
#
_symmetry.space_group_name_H-M   'P 1 21 1'
#
loop_
_entity.id
_entity.type
_entity.pdbx_description
1 polymer 'Fluorophosphonate-binding serine hydrolases E'
2 non-polymer 'ethyl (R)-(10-{[(but-3-yn-1-yl)carbamoyl]oxy}decyl)phosphonofluoridate'
3 non-polymer 'MAGNESIUM ION'
4 water water
#
_entity_poly.entity_id   1
_entity_poly.type   'polypeptide(L)'
_entity_poly.pdbx_seq_one_letter_code
;GPGMETLELQGAKLRYHQVGQGPVLIFIPGANGTGDIFLPLAEQLKDHFTVVAVDRRDYGESELTEPLPDSASNPDSDYR
VKRDAQDIAELAKSLSDEPVYILGSSSGSIVAMHVLKDYPEVVKKIAFHEPPINTFLPDSTYWKDKNDDIVHQILTEGLE
KGMKTFGETLNIAPIDAKMMSQPADTEEGRIEQYKRTMFWLEFEIRQYTHSNITLDDFTKYSDKITLLNGTDSRGSFPQD
VNFYINKETGIPIVDIPGGHLGYIQKPEGFADVLLNMWG
;
_entity_poly.pdbx_strand_id   A,B
#
loop_
_chem_comp.id
_chem_comp.type
_chem_comp.name
_chem_comp.formula
MG non-polymer 'MAGNESIUM ION' 'Mg 2'
ZUV non-polymer 'ethyl (R)-(10-{[(but-3-yn-1-yl)carbamoyl]oxy}decyl)phosphonofluoridate' 'C17 H31 F N O4 P'
#
# COMPACT_ATOMS: atom_id res chain seq x y z
N GLY A 3 20.31 17.10 9.93
CA GLY A 3 19.50 16.04 9.38
C GLY A 3 19.81 14.67 9.92
N MET A 4 18.97 13.71 9.54
CA MET A 4 19.12 12.31 9.88
C MET A 4 20.39 11.75 9.24
N GLU A 5 21.09 10.88 9.97
CA GLU A 5 22.25 10.17 9.43
C GLU A 5 21.78 9.07 8.49
N THR A 6 22.68 8.65 7.58
CA THR A 6 22.37 7.61 6.60
C THR A 6 23.45 6.54 6.56
N LEU A 7 23.01 5.28 6.57
CA LEU A 7 23.87 4.14 6.25
C LEU A 7 23.26 3.44 5.04
N GLU A 8 24.01 3.38 3.95
CA GLU A 8 23.54 2.76 2.72
C GLU A 8 23.78 1.25 2.79
N LEU A 9 22.71 0.47 2.76
CA LEU A 9 22.74 -0.98 2.94
C LEU A 9 22.15 -1.63 1.70
N GLN A 10 22.22 -2.96 1.63
CA GLN A 10 21.73 -3.65 0.45
C GLN A 10 20.21 -3.45 0.37
N GLY A 11 19.76 -2.78 -0.69
CA GLY A 11 18.33 -2.57 -0.89
C GLY A 11 17.71 -1.44 -0.12
N ALA A 12 18.47 -0.65 0.63
CA ALA A 12 17.85 0.44 1.38
C ALA A 12 18.88 1.48 1.78
N LYS A 13 18.39 2.72 1.97
CA LYS A 13 19.11 3.74 2.72
C LYS A 13 18.50 3.81 4.11
N LEU A 14 19.28 3.43 5.13
CA LEU A 14 18.79 3.38 6.49
C LEU A 14 19.07 4.71 7.18
N ARG A 15 18.02 5.39 7.64
CA ARG A 15 18.17 6.67 8.32
C ARG A 15 18.05 6.48 9.83
N TYR A 16 18.83 7.24 10.58
CA TYR A 16 18.82 7.12 12.03
C TYR A 16 19.18 8.44 12.67
N HIS A 17 18.70 8.65 13.90
CA HIS A 17 19.13 9.77 14.71
C HIS A 17 20.34 9.35 15.53
N GLN A 18 21.26 10.29 15.75
CA GLN A 18 22.45 10.04 16.56
C GLN A 18 22.68 11.21 17.50
N VAL A 19 22.70 10.93 18.81
CA VAL A 19 22.89 11.94 19.85
C VAL A 19 23.85 11.40 20.90
N GLY A 20 24.84 12.20 21.28
CA GLY A 20 25.62 11.91 22.46
C GLY A 20 27.01 11.38 22.16
N GLN A 21 27.65 10.93 23.23
CA GLN A 21 29.02 10.45 23.19
C GLN A 21 29.16 9.27 24.11
N GLY A 22 30.07 8.36 23.78
CA GLY A 22 30.27 7.16 24.56
C GLY A 22 29.93 5.90 23.79
N PRO A 23 29.78 4.79 24.50
CA PRO A 23 29.46 3.53 23.82
C PRO A 23 28.12 3.63 23.10
N VAL A 24 28.01 2.90 21.99
CA VAL A 24 26.83 2.96 21.16
C VAL A 24 25.68 2.23 21.84
N LEU A 25 24.49 2.86 21.84
CA LEU A 25 23.25 2.28 22.32
C LEU A 25 22.22 2.46 21.21
N ILE A 26 21.77 1.35 20.62
CA ILE A 26 20.82 1.38 19.50
C ILE A 26 19.41 1.09 20.02
N PHE A 27 18.46 1.98 19.69
CA PHE A 27 17.05 1.78 20.00
C PHE A 27 16.32 1.37 18.74
N ILE A 28 15.54 0.31 18.83
CA ILE A 28 14.81 -0.26 17.71
C ILE A 28 13.31 -0.05 17.97
N PRO A 29 12.62 0.70 17.14
CA PRO A 29 11.20 0.99 17.38
C PRO A 29 10.30 -0.19 17.02
N GLY A 30 9.12 -0.20 17.66
CA GLY A 30 8.07 -1.14 17.32
C GLY A 30 7.19 -0.67 16.17
N ALA A 31 5.87 -0.78 16.31
CA ALA A 31 4.95 -0.64 15.18
C ALA A 31 4.99 0.75 14.54
N ASN A 32 5.32 1.80 15.29
CA ASN A 32 5.43 3.12 14.67
C ASN A 32 6.58 3.20 13.68
N GLY A 33 7.58 2.33 13.84
CA GLY A 33 8.63 2.15 12.84
C GLY A 33 9.74 3.15 12.87
N THR A 34 9.65 4.21 13.67
CA THR A 34 10.56 5.35 13.53
C THR A 34 11.27 5.66 14.84
N GLY A 35 12.48 6.20 14.69
CA GLY A 35 13.35 6.44 15.84
C GLY A 35 13.04 7.68 16.62
N ASP A 36 12.22 8.59 16.06
CA ASP A 36 11.92 9.85 16.74
C ASP A 36 11.23 9.64 18.08
N ILE A 37 10.55 8.51 18.26
CA ILE A 37 9.85 8.21 19.51
C ILE A 37 10.81 8.07 20.67
N PHE A 38 12.10 7.85 20.41
CA PHE A 38 13.13 7.71 21.43
C PHE A 38 13.92 8.99 21.66
N LEU A 39 13.58 10.09 21.00
CA LEU A 39 14.42 11.28 21.10
C LEU A 39 14.39 11.92 22.49
N PRO A 40 13.22 12.03 23.16
CA PRO A 40 13.26 12.53 24.54
C PRO A 40 14.10 11.65 25.45
N LEU A 41 14.02 10.33 25.28
CA LEU A 41 14.86 9.42 26.07
C LEU A 41 16.34 9.60 25.74
N ALA A 42 16.66 9.77 24.45
CA ALA A 42 18.06 9.98 24.06
C ALA A 42 18.67 11.17 24.79
N GLU A 43 17.89 12.26 24.95
CA GLU A 43 18.42 13.45 25.63
C GLU A 43 18.84 13.14 27.05
N GLN A 44 18.15 12.21 27.71
CA GLN A 44 18.48 11.83 29.07
C GLN A 44 19.74 10.97 29.12
N LEU A 45 20.12 10.32 28.02
CA LEU A 45 21.20 9.35 28.01
C LEU A 45 22.46 9.86 27.32
N LYS A 46 22.39 11.01 26.66
CA LYS A 46 23.43 11.49 25.74
C LYS A 46 24.77 11.76 26.41
N ASP A 47 24.81 11.87 27.74
CA ASP A 47 26.06 12.06 28.45
C ASP A 47 26.79 10.75 28.69
N HIS A 48 26.10 9.61 28.52
CA HIS A 48 26.64 8.30 28.82
C HIS A 48 26.75 7.38 27.60
N PHE A 49 25.97 7.61 26.55
CA PHE A 49 25.99 6.73 25.40
C PHE A 49 25.95 7.56 24.13
N THR A 50 26.49 7.02 23.04
CA THR A 50 26.16 7.50 21.71
C THR A 50 24.84 6.83 21.37
N VAL A 51 23.74 7.59 21.46
CA VAL A 51 22.40 7.03 21.27
C VAL A 51 22.07 7.05 19.79
N VAL A 52 21.60 5.91 19.29
CA VAL A 52 21.27 5.72 17.88
C VAL A 52 19.83 5.23 17.82
N ALA A 53 18.93 6.03 17.21
CA ALA A 53 17.51 5.71 17.13
C ALA A 53 17.12 5.55 15.66
N VAL A 54 16.82 4.33 15.25
N VAL A 54 16.79 4.33 15.29
CA VAL A 54 16.75 3.98 13.84
CA VAL A 54 16.68 3.91 13.89
C VAL A 54 15.31 4.06 13.35
C VAL A 54 15.26 4.09 13.38
N ASP A 55 15.15 4.53 12.12
CA ASP A 55 13.92 4.34 11.35
C ASP A 55 14.12 3.02 10.61
N ARG A 56 13.36 2.00 10.96
CA ARG A 56 13.55 0.73 10.26
C ARG A 56 13.24 0.93 8.78
N ARG A 57 13.81 0.07 7.94
CA ARG A 57 13.98 0.41 6.52
C ARG A 57 12.65 0.66 5.79
N ASP A 58 11.55 0.10 6.27
CA ASP A 58 10.25 0.29 5.65
C ASP A 58 9.49 1.51 6.15
N TYR A 59 10.12 2.34 6.99
CA TYR A 59 9.40 3.38 7.69
C TYR A 59 10.16 4.70 7.69
N GLY A 60 9.40 5.76 7.94
CA GLY A 60 9.98 7.06 8.23
C GLY A 60 10.80 7.61 7.08
N GLU A 61 12.00 8.08 7.41
CA GLU A 61 12.90 8.66 6.42
C GLU A 61 13.78 7.62 5.74
N SER A 62 13.74 6.37 6.19
CA SER A 62 14.47 5.35 5.47
C SER A 62 13.79 5.09 4.12
N GLU A 63 14.55 4.59 3.14
CA GLU A 63 13.97 4.34 1.83
C GLU A 63 14.47 3.02 1.28
N LEU A 64 13.54 2.22 0.76
CA LEU A 64 13.94 1.06 -0.01
C LEU A 64 14.46 1.50 -1.38
N THR A 65 15.52 0.86 -1.83
CA THR A 65 16.04 1.14 -3.17
C THR A 65 15.58 0.10 -4.17
N GLU A 66 14.84 -0.90 -3.71
CA GLU A 66 14.14 -1.83 -4.58
C GLU A 66 12.92 -2.35 -3.85
N PRO A 67 11.88 -2.77 -4.58
CA PRO A 67 10.63 -3.15 -3.89
C PRO A 67 10.80 -4.41 -3.04
N LEU A 68 9.87 -4.56 -2.09
CA LEU A 68 9.86 -5.77 -1.28
C LEU A 68 9.72 -6.98 -2.18
N PRO A 69 10.33 -8.11 -1.82
CA PRO A 69 10.09 -9.35 -2.58
C PRO A 69 8.63 -9.74 -2.45
N ASP A 70 8.12 -10.38 -3.50
CA ASP A 70 6.70 -10.74 -3.48
C ASP A 70 6.36 -11.61 -2.27
N SER A 71 7.30 -12.47 -1.84
CA SER A 71 7.02 -13.41 -0.76
C SER A 71 6.87 -12.73 0.59
N ALA A 72 7.20 -11.44 0.72
CA ALA A 72 7.05 -10.78 2.02
C ALA A 72 5.60 -10.72 2.47
N SER A 73 4.65 -10.84 1.53
CA SER A 73 3.23 -10.87 1.89
C SER A 73 2.83 -12.17 2.59
N ASN A 74 3.62 -13.23 2.46
CA ASN A 74 3.27 -14.49 3.13
C ASN A 74 3.29 -14.29 4.64
N PRO A 75 2.27 -14.76 5.36
CA PRO A 75 2.27 -14.54 6.81
C PRO A 75 3.38 -15.25 7.57
N ASP A 76 4.01 -16.27 6.97
CA ASP A 76 5.16 -16.94 7.59
C ASP A 76 6.50 -16.51 6.99
N SER A 77 6.54 -15.44 6.22
CA SER A 77 7.80 -14.96 5.66
C SER A 77 8.73 -14.47 6.76
N ASP A 78 10.01 -14.82 6.62
CA ASP A 78 11.03 -14.30 7.52
C ASP A 78 11.87 -13.21 6.89
N TYR A 79 11.51 -12.77 5.68
CA TYR A 79 12.38 -11.83 4.96
C TYR A 79 12.58 -10.54 5.75
N ARG A 80 11.48 -9.88 6.14
CA ARG A 80 11.59 -8.56 6.75
C ARG A 80 12.28 -8.60 8.12
N VAL A 81 11.93 -9.56 8.97
CA VAL A 81 12.48 -9.55 10.33
C VAL A 81 13.99 -9.83 10.28
N LYS A 82 14.43 -10.74 9.41
CA LYS A 82 15.85 -11.01 9.29
C LYS A 82 16.59 -9.83 8.65
N ARG A 83 15.97 -9.17 7.67
CA ARG A 83 16.60 -8.01 7.05
C ARG A 83 16.72 -6.84 8.03
N ASP A 84 15.68 -6.64 8.86
CA ASP A 84 15.78 -5.62 9.91
C ASP A 84 16.91 -5.95 10.87
N ALA A 85 17.03 -7.22 11.26
CA ALA A 85 18.10 -7.60 12.19
C ALA A 85 19.47 -7.38 11.57
N GLN A 86 19.64 -7.76 10.30
CA GLN A 86 20.92 -7.52 9.62
C GLN A 86 21.21 -6.02 9.52
N ASP A 87 20.19 -5.19 9.29
CA ASP A 87 20.37 -3.74 9.28
C ASP A 87 20.98 -3.28 10.61
N ILE A 88 20.45 -3.75 11.74
CA ILE A 88 20.99 -3.35 13.05
C ILE A 88 22.43 -3.80 13.20
N ALA A 89 22.74 -5.03 12.77
CA ALA A 89 24.11 -5.51 12.89
C ALA A 89 25.07 -4.69 12.04
N GLU A 90 24.67 -4.34 10.82
CA GLU A 90 25.52 -3.53 9.96
C GLU A 90 25.68 -2.13 10.54
N LEU A 91 24.62 -1.60 11.14
CA LEU A 91 24.71 -0.29 11.79
C LEU A 91 25.69 -0.34 12.96
N ALA A 92 25.57 -1.36 13.82
CA ALA A 92 26.52 -1.52 14.92
C ALA A 92 27.95 -1.56 14.41
N LYS A 93 28.20 -2.35 13.37
CA LYS A 93 29.56 -2.48 12.86
C LYS A 93 30.08 -1.19 12.25
N SER A 94 29.19 -0.38 11.66
CA SER A 94 29.62 0.87 11.04
C SER A 94 29.99 1.93 12.06
N LEU A 95 29.45 1.84 13.29
CA LEU A 95 29.62 2.88 14.29
C LEU A 95 30.58 2.48 15.39
N SER A 96 30.93 1.20 15.51
CA SER A 96 31.64 0.75 16.71
C SER A 96 32.50 -0.46 16.38
N ASP A 97 33.73 -0.42 16.89
N ASP A 97 33.73 -0.44 16.90
CA ASP A 97 34.61 -1.58 16.83
CA ASP A 97 34.61 -1.59 16.85
C ASP A 97 34.25 -2.62 17.88
C ASP A 97 34.33 -2.59 17.95
N GLU A 98 33.53 -2.22 18.94
CA GLU A 98 33.16 -3.06 20.07
C GLU A 98 31.70 -3.49 19.94
N PRO A 99 31.32 -4.63 20.53
CA PRO A 99 29.89 -4.94 20.64
C PRO A 99 29.17 -3.80 21.35
N VAL A 100 27.89 -3.63 21.00
CA VAL A 100 27.13 -2.45 21.37
C VAL A 100 25.95 -2.83 22.30
N TYR A 101 25.34 -1.81 22.87
CA TYR A 101 24.12 -1.96 23.65
C TYR A 101 22.91 -1.79 22.74
N ILE A 102 21.89 -2.62 22.94
CA ILE A 102 20.71 -2.62 22.07
C ILE A 102 19.46 -2.75 22.93
N LEU A 103 18.46 -1.90 22.66
CA LEU A 103 17.14 -2.06 23.28
C LEU A 103 16.10 -1.97 22.18
N GLY A 104 15.19 -2.93 22.15
CA GLY A 104 14.05 -2.88 21.27
C GLY A 104 12.77 -2.97 22.08
N SER A 105 11.70 -2.33 21.58
CA SER A 105 10.40 -2.40 22.24
C SER A 105 9.36 -2.94 21.25
N SER A 106 8.44 -3.76 21.76
CA SER A 106 7.31 -4.27 20.96
C SER A 106 7.88 -5.06 19.77
N SER A 107 7.41 -4.84 18.54
N SER A 107 7.41 -4.82 18.54
CA SER A 107 8.02 -5.59 17.45
CA SER A 107 7.97 -5.48 17.38
C SER A 107 9.50 -5.28 17.27
C SER A 107 9.47 -5.27 17.27
N GLY A 108 9.97 -4.14 17.80
CA GLY A 108 11.40 -3.86 17.77
C GLY A 108 12.19 -4.77 18.69
N SER A 109 11.57 -5.25 19.77
N SER A 109 11.57 -5.24 19.77
CA SER A 109 12.23 -6.25 20.60
CA SER A 109 12.20 -6.25 20.61
C SER A 109 12.35 -7.60 19.90
C SER A 109 12.38 -7.57 19.87
N ILE A 110 11.44 -7.90 18.97
CA ILE A 110 11.59 -9.11 18.16
C ILE A 110 12.75 -8.97 17.20
N VAL A 111 12.87 -7.81 16.54
CA VAL A 111 14.08 -7.56 15.74
C VAL A 111 15.33 -7.77 16.60
N ALA A 112 15.31 -7.22 17.82
CA ALA A 112 16.46 -7.38 18.72
C ALA A 112 16.76 -8.85 19.00
N MET A 113 15.72 -9.68 19.19
CA MET A 113 15.94 -11.11 19.36
C MET A 113 16.68 -11.72 18.19
N HIS A 114 16.31 -11.33 16.96
CA HIS A 114 16.99 -11.91 15.80
C HIS A 114 18.41 -11.37 15.63
N VAL A 115 18.67 -10.15 16.10
CA VAL A 115 20.04 -9.63 16.11
C VAL A 115 20.91 -10.51 17.00
N LEU A 116 20.42 -10.82 18.20
CA LEU A 116 21.18 -11.68 19.10
C LEU A 116 21.35 -13.08 18.52
N LYS A 117 20.31 -13.62 17.87
CA LYS A 117 20.40 -14.99 17.37
C LYS A 117 21.42 -15.10 16.24
N ASP A 118 21.43 -14.14 15.32
CA ASP A 118 22.18 -14.29 14.09
C ASP A 118 23.46 -13.47 14.05
N TYR A 119 23.58 -12.44 14.91
CA TYR A 119 24.78 -11.61 14.99
C TYR A 119 25.14 -11.40 16.45
N PRO A 120 25.31 -12.47 17.24
CA PRO A 120 25.62 -12.27 18.67
C PRO A 120 26.90 -11.48 18.88
N GLU A 121 27.83 -11.56 17.94
CA GLU A 121 29.12 -10.87 18.04
C GLU A 121 28.98 -9.36 18.12
N VAL A 122 27.85 -8.79 17.70
CA VAL A 122 27.66 -7.34 17.78
C VAL A 122 27.01 -6.88 19.07
N VAL A 123 26.59 -7.82 19.93
CA VAL A 123 25.78 -7.51 21.11
C VAL A 123 26.66 -7.56 22.35
N LYS A 124 26.76 -6.43 23.05
CA LYS A 124 27.37 -6.41 24.38
C LYS A 124 26.31 -6.71 25.45
N LYS A 125 25.21 -5.97 25.41
CA LYS A 125 24.07 -6.16 26.28
C LYS A 125 22.83 -5.82 25.48
N ILE A 126 21.73 -6.49 25.78
CA ILE A 126 20.49 -6.28 25.03
C ILE A 126 19.31 -6.32 25.99
N ALA A 127 18.26 -5.55 25.67
CA ALA A 127 17.04 -5.48 26.47
C ALA A 127 15.84 -5.65 25.56
N PHE A 128 14.89 -6.48 26.01
CA PHE A 128 13.63 -6.76 25.31
C PHE A 128 12.52 -6.09 26.11
N HIS A 129 12.03 -4.94 25.63
CA HIS A 129 10.96 -4.20 26.31
C HIS A 129 9.62 -4.66 25.74
N GLU A 130 8.81 -5.29 26.57
CA GLU A 130 7.44 -5.69 26.22
C GLU A 130 7.28 -6.36 24.85
N PRO A 131 7.88 -7.52 24.67
CA PRO A 131 7.81 -8.22 23.38
C PRO A 131 6.47 -8.88 23.19
N PRO A 132 5.93 -8.86 21.96
CA PRO A 132 4.65 -9.54 21.68
C PRO A 132 4.81 -10.84 20.90
N ILE A 133 6.02 -11.39 20.86
CA ILE A 133 6.25 -12.65 20.17
C ILE A 133 5.53 -13.77 20.91
N ASN A 134 4.95 -14.72 20.16
CA ASN A 134 4.19 -15.79 20.76
C ASN A 134 4.73 -17.20 20.48
N THR A 135 5.76 -17.33 19.64
CA THR A 135 6.07 -18.63 19.04
C THR A 135 6.38 -19.69 20.09
N PHE A 136 7.08 -19.32 21.16
CA PHE A 136 7.53 -20.29 22.15
C PHE A 136 6.57 -20.42 23.34
N LEU A 137 5.46 -19.71 23.36
CA LEU A 137 4.53 -19.77 24.49
C LEU A 137 3.73 -21.06 24.47
N PRO A 138 3.32 -21.55 25.65
N PRO A 138 3.30 -21.54 25.65
CA PRO A 138 2.47 -22.75 25.69
CA PRO A 138 2.46 -22.74 25.69
C PRO A 138 1.16 -22.55 24.94
C PRO A 138 1.13 -22.56 24.99
N ASP A 139 0.62 -21.33 24.96
CA ASP A 139 -0.61 -20.97 24.26
C ASP A 139 -0.31 -20.18 22.98
N SER A 140 0.79 -20.51 22.31
CA SER A 140 1.15 -19.81 21.09
C SER A 140 0.00 -19.79 20.10
N THR A 141 -0.70 -20.92 19.93
CA THR A 141 -1.77 -21.03 18.94
C THR A 141 -2.89 -20.02 19.18
N TYR A 142 -3.28 -19.83 20.45
CA TYR A 142 -4.34 -18.89 20.74
C TYR A 142 -3.97 -17.49 20.25
N TRP A 143 -2.74 -17.05 20.55
CA TRP A 143 -2.32 -15.70 20.19
C TRP A 143 -2.06 -15.58 18.70
N LYS A 144 -1.48 -16.61 18.09
CA LYS A 144 -1.26 -16.57 16.64
C LYS A 144 -2.59 -16.49 15.89
N ASP A 145 -3.58 -17.25 16.34
CA ASP A 145 -4.89 -17.23 15.70
C ASP A 145 -5.56 -15.87 15.86
N LYS A 146 -5.43 -15.22 17.02
CA LYS A 146 -6.00 -13.88 17.16
C LYS A 146 -5.36 -12.91 16.19
N ASN A 147 -4.04 -12.99 16.03
CA ASN A 147 -3.35 -12.12 15.07
C ASN A 147 -3.81 -12.41 13.64
N ASP A 148 -3.86 -13.68 13.26
CA ASP A 148 -4.29 -14.01 11.90
C ASP A 148 -5.70 -13.54 11.67
N ASP A 149 -6.57 -13.66 12.69
CA ASP A 149 -7.97 -13.31 12.52
C ASP A 149 -8.15 -11.81 12.35
N ILE A 150 -7.41 -11.01 13.12
CA ILE A 150 -7.60 -9.57 13.05
C ILE A 150 -7.09 -9.03 11.72
N VAL A 151 -6.00 -9.61 11.20
CA VAL A 151 -5.50 -9.19 9.89
C VAL A 151 -6.50 -9.55 8.82
N HIS A 152 -7.05 -10.76 8.90
CA HIS A 152 -8.03 -11.17 7.90
C HIS A 152 -9.26 -10.27 7.95
N GLN A 153 -9.69 -9.89 9.15
CA GLN A 153 -10.87 -9.04 9.29
C GLN A 153 -10.64 -7.65 8.70
N ILE A 154 -9.50 -7.04 9.03
CA ILE A 154 -9.25 -5.67 8.59
C ILE A 154 -8.94 -5.64 7.10
N LEU A 155 -8.07 -6.51 6.63
CA LEU A 155 -7.60 -6.42 5.25
C LEU A 155 -8.51 -7.14 4.26
N THR A 156 -8.82 -8.41 4.50
CA THR A 156 -9.57 -9.20 3.54
C THR A 156 -11.07 -8.92 3.61
N GLU A 157 -11.67 -9.08 4.79
CA GLU A 157 -13.10 -8.82 4.93
C GLU A 157 -13.43 -7.36 4.68
N GLY A 158 -12.58 -6.45 5.16
CA GLY A 158 -12.85 -5.03 4.95
C GLY A 158 -12.90 -4.66 3.48
N LEU A 159 -11.96 -5.20 2.69
CA LEU A 159 -11.97 -4.96 1.26
C LEU A 159 -13.17 -5.61 0.58
N GLU A 160 -13.46 -6.87 0.93
N GLU A 160 -13.46 -6.87 0.92
CA GLU A 160 -14.56 -7.59 0.30
CA GLU A 160 -14.57 -7.56 0.28
C GLU A 160 -15.90 -6.87 0.54
C GLU A 160 -15.90 -6.85 0.53
N LYS A 161 -16.12 -6.43 1.78
CA LYS A 161 -17.38 -5.75 2.10
C LYS A 161 -17.45 -4.39 1.43
N GLY A 162 -16.34 -3.66 1.40
CA GLY A 162 -16.34 -2.37 0.73
C GLY A 162 -16.58 -2.48 -0.76
N MET A 163 -16.01 -3.50 -1.40
CA MET A 163 -16.19 -3.60 -2.84
C MET A 163 -17.61 -4.02 -3.20
N LYS A 164 -18.23 -4.86 -2.37
CA LYS A 164 -19.64 -5.18 -2.59
C LYS A 164 -20.50 -3.93 -2.46
N THR A 165 -20.22 -3.08 -1.45
CA THR A 165 -20.96 -1.83 -1.32
C THR A 165 -20.73 -0.93 -2.53
N PHE A 166 -19.49 -0.90 -3.03
CA PHE A 166 -19.19 -0.08 -4.20
C PHE A 166 -20.03 -0.51 -5.39
N GLY A 167 -20.08 -1.82 -5.64
CA GLY A 167 -20.92 -2.34 -6.71
C GLY A 167 -22.39 -2.00 -6.53
N GLU A 168 -22.89 -2.07 -5.30
CA GLU A 168 -24.30 -1.71 -5.08
C GLU A 168 -24.53 -0.22 -5.28
N THR A 169 -23.59 0.62 -4.84
CA THR A 169 -23.77 2.06 -4.94
C THR A 169 -23.89 2.49 -6.39
N LEU A 170 -23.11 1.88 -7.27
CA LEU A 170 -23.13 2.20 -8.69
C LEU A 170 -24.10 1.36 -9.50
N ASN A 171 -24.90 0.51 -8.83
CA ASN A 171 -25.89 -0.37 -9.49
C ASN A 171 -25.25 -1.17 -10.62
N ILE A 172 -24.09 -1.75 -10.33
CA ILE A 172 -23.39 -2.61 -11.28
C ILE A 172 -24.21 -3.89 -11.49
N ALA A 173 -24.35 -4.29 -12.75
CA ALA A 173 -25.11 -5.48 -13.08
C ALA A 173 -24.45 -6.71 -12.46
N PRO A 174 -25.23 -7.70 -12.05
CA PRO A 174 -24.67 -8.88 -11.36
C PRO A 174 -23.55 -9.57 -12.11
N ILE A 175 -23.71 -9.76 -13.42
CA ILE A 175 -22.66 -10.39 -14.23
C ILE A 175 -21.36 -9.62 -14.14
N ASP A 176 -21.43 -8.29 -14.21
CA ASP A 176 -20.22 -7.48 -14.19
C ASP A 176 -19.55 -7.52 -12.82
N ALA A 177 -20.35 -7.46 -11.75
CA ALA A 177 -19.79 -7.47 -10.41
C ALA A 177 -19.12 -8.81 -10.12
N LYS A 178 -19.73 -9.90 -10.57
CA LYS A 178 -19.12 -11.22 -10.45
C LYS A 178 -17.75 -11.25 -11.13
N MET A 179 -17.68 -10.78 -12.37
CA MET A 179 -16.44 -10.90 -13.12
C MET A 179 -15.33 -10.07 -12.50
N MET A 180 -15.65 -8.86 -12.02
CA MET A 180 -14.67 -7.99 -11.39
C MET A 180 -14.21 -8.50 -10.04
N SER A 181 -14.99 -9.35 -9.38
CA SER A 181 -14.64 -9.84 -8.05
C SER A 181 -14.06 -11.26 -8.06
N GLN A 182 -14.05 -11.92 -9.21
CA GLN A 182 -13.60 -13.29 -9.30
C GLN A 182 -12.13 -13.40 -8.86
N PRO A 183 -11.80 -14.27 -7.92
CA PRO A 183 -10.39 -14.47 -7.56
C PRO A 183 -9.59 -15.01 -8.75
N ALA A 184 -8.32 -14.64 -8.78
CA ALA A 184 -7.46 -15.02 -9.91
C ALA A 184 -7.20 -16.52 -9.91
N ASP A 185 -6.99 -17.07 -11.11
CA ASP A 185 -6.77 -18.50 -11.29
C ASP A 185 -5.45 -18.97 -10.69
N THR A 186 -4.53 -18.06 -10.41
CA THR A 186 -3.18 -18.40 -9.98
C THR A 186 -2.93 -17.72 -8.64
N GLU A 187 -2.27 -18.43 -7.72
CA GLU A 187 -1.97 -17.83 -6.43
C GLU A 187 -1.09 -16.60 -6.57
N GLU A 188 -0.09 -16.66 -7.47
CA GLU A 188 0.68 -15.47 -7.82
C GLU A 188 -0.25 -14.32 -8.20
N GLY A 189 -1.26 -14.61 -9.01
CA GLY A 189 -2.19 -13.59 -9.44
C GLY A 189 -3.15 -13.13 -8.36
N ARG A 190 -3.29 -13.89 -7.27
CA ARG A 190 -4.23 -13.53 -6.22
C ARG A 190 -3.67 -12.47 -5.27
N ILE A 191 -2.39 -12.59 -4.92
CA ILE A 191 -1.76 -11.56 -4.09
C ILE A 191 -1.53 -10.30 -4.93
N GLU A 192 -1.20 -10.45 -6.21
CA GLU A 192 -1.12 -9.31 -7.10
C GLU A 192 -2.46 -8.59 -7.21
N GLN A 193 -3.56 -9.35 -7.16
CA GLN A 193 -4.88 -8.76 -7.32
C GLN A 193 -5.28 -7.95 -6.09
N TYR A 194 -4.93 -8.43 -4.88
CA TYR A 194 -5.13 -7.63 -3.68
C TYR A 194 -4.35 -6.33 -3.76
N LYS A 195 -3.07 -6.41 -4.09
CA LYS A 195 -2.23 -5.21 -4.17
C LYS A 195 -2.79 -4.23 -5.20
N ARG A 196 -3.21 -4.75 -6.36
CA ARG A 196 -3.72 -3.88 -7.41
C ARG A 196 -5.02 -3.21 -6.99
N THR A 197 -5.90 -3.96 -6.34
CA THR A 197 -7.17 -3.39 -5.92
C THR A 197 -6.96 -2.33 -4.86
N MET A 198 -6.06 -2.59 -3.90
CA MET A 198 -5.83 -1.58 -2.87
C MET A 198 -5.14 -0.35 -3.47
N PHE A 199 -4.29 -0.55 -4.49
CA PHE A 199 -3.68 0.60 -5.15
C PHE A 199 -4.74 1.44 -5.87
N TRP A 200 -5.59 0.79 -6.65
CA TRP A 200 -6.68 1.50 -7.30
C TRP A 200 -7.53 2.24 -6.27
N LEU A 201 -7.82 1.59 -5.15
CA LEU A 201 -8.66 2.21 -4.12
C LEU A 201 -8.04 3.50 -3.58
N GLU A 202 -6.75 3.46 -3.25
N GLU A 202 -6.73 3.45 -3.27
CA GLU A 202 -6.14 4.63 -2.60
CA GLU A 202 -6.08 4.57 -2.62
C GLU A 202 -5.61 5.66 -3.59
C GLU A 202 -5.67 5.65 -3.61
N PHE A 203 -5.16 5.25 -4.78
CA PHE A 203 -4.49 6.15 -5.69
C PHE A 203 -5.26 6.47 -6.96
N GLU A 204 -6.41 5.83 -7.21
CA GLU A 204 -7.08 6.04 -8.49
C GLU A 204 -8.55 6.44 -8.40
N ILE A 205 -9.38 5.71 -7.66
CA ILE A 205 -10.83 5.90 -7.78
C ILE A 205 -11.26 7.34 -7.47
N ARG A 206 -10.87 7.87 -6.30
CA ARG A 206 -11.29 9.24 -5.94
C ARG A 206 -10.66 10.27 -6.88
N GLN A 207 -9.35 10.13 -7.13
CA GLN A 207 -8.62 11.11 -7.92
C GLN A 207 -9.17 11.20 -9.33
N TYR A 208 -9.52 10.07 -9.92
CA TYR A 208 -9.92 10.08 -11.33
C TYR A 208 -11.40 10.42 -11.48
N THR A 209 -12.26 9.85 -10.63
CA THR A 209 -13.70 10.13 -10.75
C THR A 209 -14.07 11.56 -10.40
N HIS A 210 -13.24 12.28 -9.66
CA HIS A 210 -13.47 13.70 -9.39
C HIS A 210 -12.41 14.56 -10.04
N SER A 211 -11.91 14.14 -11.20
CA SER A 211 -10.86 14.89 -11.87
C SER A 211 -11.46 16.03 -12.71
N ASN A 212 -10.57 16.86 -13.26
CA ASN A 212 -10.94 18.16 -13.82
C ASN A 212 -11.33 18.02 -15.28
N ILE A 213 -12.54 17.50 -15.50
CA ILE A 213 -13.19 17.51 -16.81
C ILE A 213 -14.49 18.29 -16.68
N THR A 214 -14.74 19.20 -17.64
CA THR A 214 -15.96 19.97 -17.70
C THR A 214 -16.69 19.63 -18.99
N LEU A 215 -17.98 19.95 -19.03
CA LEU A 215 -18.77 19.70 -20.24
C LEU A 215 -18.18 20.43 -21.45
N ASP A 216 -17.65 21.63 -21.23
CA ASP A 216 -17.03 22.39 -22.32
C ASP A 216 -15.85 21.64 -22.92
N ASP A 217 -15.18 20.79 -22.15
CA ASP A 217 -14.09 20.02 -22.72
C ASP A 217 -14.59 19.07 -23.80
N PHE A 218 -15.84 18.59 -23.69
CA PHE A 218 -16.39 17.68 -24.69
C PHE A 218 -16.89 18.45 -25.91
N THR A 219 -17.52 19.60 -25.69
CA THR A 219 -18.13 20.32 -26.81
C THR A 219 -17.05 20.82 -27.77
N LYS A 220 -15.84 21.08 -27.25
CA LYS A 220 -14.79 21.68 -28.05
C LYS A 220 -14.39 20.78 -29.22
N TYR A 221 -14.38 19.48 -29.02
CA TYR A 221 -14.00 18.51 -30.06
C TYR A 221 -15.09 17.46 -30.20
N SER A 222 -16.35 17.90 -30.14
CA SER A 222 -17.46 16.97 -30.05
C SER A 222 -17.51 16.01 -31.23
N ASP A 223 -17.08 16.46 -32.42
N ASP A 223 -17.10 16.47 -32.42
CA ASP A 223 -17.15 15.60 -33.61
CA ASP A 223 -17.15 15.62 -33.61
C ASP A 223 -16.30 14.35 -33.49
C ASP A 223 -16.29 14.36 -33.50
N LYS A 224 -15.31 14.35 -32.60
CA LYS A 224 -14.43 13.19 -32.45
C LYS A 224 -14.99 12.12 -31.53
N ILE A 225 -16.02 12.42 -30.73
CA ILE A 225 -16.36 11.62 -29.55
C ILE A 225 -17.55 10.71 -29.85
N THR A 226 -17.43 9.44 -29.46
CA THR A 226 -18.56 8.54 -29.33
C THR A 226 -18.68 8.10 -27.87
N LEU A 227 -19.89 8.15 -27.32
CA LEU A 227 -20.15 7.58 -26.01
C LEU A 227 -20.66 6.15 -26.18
N LEU A 228 -20.16 5.22 -25.37
CA LEU A 228 -20.57 3.83 -25.49
C LEU A 228 -21.23 3.33 -24.21
N ASN A 229 -22.42 2.76 -24.36
CA ASN A 229 -23.15 2.09 -23.28
C ASN A 229 -23.34 0.63 -23.65
N GLY A 230 -23.05 -0.28 -22.72
CA GLY A 230 -23.30 -1.69 -22.98
C GLY A 230 -24.78 -2.03 -22.99
N THR A 231 -25.13 -3.04 -23.78
CA THR A 231 -26.51 -3.52 -23.79
C THR A 231 -26.88 -4.33 -22.55
N ASP A 232 -25.89 -4.86 -21.82
CA ASP A 232 -26.15 -5.73 -20.68
C ASP A 232 -25.91 -5.07 -19.33
N SER A 233 -25.64 -3.76 -19.30
CA SER A 233 -25.33 -3.04 -18.07
C SER A 233 -26.27 -1.85 -17.87
N ARG A 234 -27.50 -1.96 -18.37
CA ARG A 234 -28.44 -0.86 -18.25
C ARG A 234 -28.84 -0.63 -16.79
N GLY A 235 -29.10 0.63 -16.46
CA GLY A 235 -29.45 1.04 -15.11
C GLY A 235 -28.27 1.33 -14.21
N SER A 236 -27.05 1.18 -14.69
CA SER A 236 -25.86 1.37 -13.87
C SER A 236 -25.42 2.83 -13.94
N PHE A 237 -24.66 3.24 -12.93
CA PHE A 237 -24.23 4.64 -12.85
C PHE A 237 -23.43 5.08 -14.06
N PRO A 238 -22.45 4.32 -14.56
CA PRO A 238 -21.68 4.81 -15.73
C PRO A 238 -22.55 5.13 -16.93
N GLN A 239 -23.68 4.42 -17.12
CA GLN A 239 -24.56 4.77 -18.22
C GLN A 239 -25.23 6.11 -17.98
N ASP A 240 -25.60 6.40 -16.72
CA ASP A 240 -26.17 7.69 -16.40
C ASP A 240 -25.20 8.84 -16.68
N VAL A 241 -23.90 8.61 -16.49
CA VAL A 241 -22.91 9.63 -16.85
C VAL A 241 -22.98 9.93 -18.34
N ASN A 242 -23.01 8.87 -19.16
CA ASN A 242 -23.13 9.05 -20.60
C ASN A 242 -24.45 9.73 -20.98
N PHE A 243 -25.56 9.37 -20.32
CA PHE A 243 -26.82 10.03 -20.62
C PHE A 243 -26.73 11.53 -20.34
N TYR A 244 -26.02 11.91 -19.28
CA TYR A 244 -25.91 13.33 -18.95
C TYR A 244 -25.03 14.05 -19.96
N ILE A 245 -23.88 13.46 -20.32
CA ILE A 245 -23.05 14.07 -21.36
C ILE A 245 -23.88 14.28 -22.62
N ASN A 246 -24.65 13.26 -23.01
CA ASN A 246 -25.43 13.37 -24.23
C ASN A 246 -26.50 14.46 -24.12
N LYS A 247 -27.18 14.53 -22.97
CA LYS A 247 -28.23 15.53 -22.77
C LYS A 247 -27.68 16.95 -22.94
N GLU A 248 -26.46 17.19 -22.45
CA GLU A 248 -25.89 18.53 -22.38
C GLU A 248 -25.06 18.90 -23.59
N THR A 249 -24.58 17.92 -24.37
CA THR A 249 -23.69 18.20 -25.49
C THR A 249 -24.23 17.75 -26.82
N GLY A 250 -25.20 16.83 -26.86
CA GLY A 250 -25.65 16.26 -28.11
C GLY A 250 -24.74 15.20 -28.68
N ILE A 251 -23.65 14.87 -27.99
CA ILE A 251 -22.74 13.83 -28.47
C ILE A 251 -23.47 12.49 -28.44
N PRO A 252 -23.46 11.73 -29.53
CA PRO A 252 -24.32 10.54 -29.59
C PRO A 252 -23.83 9.41 -28.70
N ILE A 253 -24.79 8.60 -28.25
CA ILE A 253 -24.51 7.35 -27.56
C ILE A 253 -24.71 6.21 -28.54
N VAL A 254 -23.71 5.33 -28.63
CA VAL A 254 -23.81 4.11 -29.40
C VAL A 254 -23.88 2.95 -28.42
N ASP A 255 -24.85 2.06 -28.61
CA ASP A 255 -25.01 0.88 -27.77
C ASP A 255 -24.15 -0.25 -28.32
N ILE A 256 -23.53 -1.01 -27.42
CA ILE A 256 -22.52 -1.99 -27.82
C ILE A 256 -22.72 -3.25 -26.97
N PRO A 257 -22.52 -4.45 -27.52
CA PRO A 257 -22.79 -5.67 -26.75
C PRO A 257 -21.98 -5.78 -25.46
N GLY A 258 -22.50 -6.61 -24.54
CA GLY A 258 -21.84 -6.84 -23.28
C GLY A 258 -22.24 -5.84 -22.22
N GLY A 259 -21.64 -5.99 -21.04
CA GLY A 259 -21.89 -5.10 -19.93
C GLY A 259 -20.76 -4.13 -19.71
N HIS A 260 -20.48 -3.83 -18.43
CA HIS A 260 -19.35 -2.96 -18.11
C HIS A 260 -18.04 -3.49 -18.68
N LEU A 261 -17.93 -4.82 -18.84
CA LEU A 261 -16.73 -5.46 -19.34
C LEU A 261 -16.98 -6.07 -20.71
N GLY A 262 -17.82 -5.41 -21.51
CA GLY A 262 -18.31 -6.01 -22.74
C GLY A 262 -17.22 -6.37 -23.74
N TYR A 263 -16.10 -5.62 -23.72
CA TYR A 263 -14.99 -5.90 -24.64
C TYR A 263 -14.41 -7.29 -24.44
N ILE A 264 -14.52 -7.87 -23.25
CA ILE A 264 -14.07 -9.23 -23.01
C ILE A 264 -15.25 -10.21 -22.92
N GLN A 265 -16.42 -9.69 -22.49
CA GLN A 265 -17.59 -10.57 -22.40
C GLN A 265 -18.14 -10.95 -23.77
N LYS A 266 -18.15 -10.01 -24.72
CA LYS A 266 -18.67 -10.26 -26.07
C LYS A 266 -17.72 -9.65 -27.11
N PRO A 267 -16.53 -10.22 -27.27
N PRO A 267 -16.52 -10.21 -27.26
CA PRO A 267 -15.53 -9.55 -28.13
CA PRO A 267 -15.53 -9.53 -28.13
C PRO A 267 -15.96 -9.43 -29.58
C PRO A 267 -15.95 -9.44 -29.59
N GLU A 268 -16.63 -10.45 -30.12
CA GLU A 268 -17.06 -10.40 -31.52
C GLU A 268 -18.10 -9.32 -31.75
N GLY A 269 -19.14 -9.27 -30.90
CA GLY A 269 -20.15 -8.25 -31.04
C GLY A 269 -19.64 -6.85 -30.76
N PHE A 270 -18.75 -6.72 -29.76
CA PHE A 270 -18.13 -5.43 -29.46
C PHE A 270 -17.31 -4.95 -30.66
N ALA A 271 -16.52 -5.85 -31.25
CA ALA A 271 -15.71 -5.50 -32.42
C ALA A 271 -16.57 -5.07 -33.59
N ASP A 272 -17.70 -5.75 -33.81
CA ASP A 272 -18.53 -5.43 -34.97
C ASP A 272 -19.04 -3.99 -34.90
N VAL A 273 -19.39 -3.53 -33.70
CA VAL A 273 -19.80 -2.14 -33.53
C VAL A 273 -18.63 -1.20 -33.77
N LEU A 274 -17.47 -1.50 -33.18
CA LEU A 274 -16.31 -0.63 -33.40
C LEU A 274 -16.00 -0.52 -34.89
N LEU A 275 -16.15 -1.62 -35.62
CA LEU A 275 -15.92 -1.61 -37.06
C LEU A 275 -16.97 -0.76 -37.77
N ASN A 276 -18.24 -0.85 -37.34
CA ASN A 276 -19.26 0.05 -37.89
C ASN A 276 -18.91 1.51 -37.64
N MET A 277 -18.30 1.81 -36.50
CA MET A 277 -18.02 3.19 -36.14
C MET A 277 -16.82 3.71 -36.93
N TRP A 278 -15.74 2.92 -36.97
CA TRP A 278 -14.42 3.41 -37.36
C TRP A 278 -13.72 2.58 -38.44
N GLY A 279 -14.29 1.47 -38.87
CA GLY A 279 -13.64 0.67 -39.88
C GLY A 279 -14.00 1.10 -41.29
N GLY B 3 4.88 -11.83 -25.04
CA GLY B 3 5.89 -10.78 -25.14
C GLY B 3 5.31 -9.42 -25.45
N MET B 4 5.55 -8.45 -24.59
CA MET B 4 5.01 -7.11 -24.77
C MET B 4 6.08 -6.13 -25.25
N GLU B 5 5.61 -4.99 -25.76
CA GLU B 5 6.46 -3.92 -26.23
C GLU B 5 6.72 -2.92 -25.11
N THR B 6 7.79 -2.13 -25.26
CA THR B 6 8.17 -1.15 -24.24
C THR B 6 8.39 0.21 -24.88
N LEU B 7 7.82 1.24 -24.25
CA LEU B 7 8.16 2.63 -24.55
C LEU B 7 8.63 3.28 -23.25
N GLU B 8 9.89 3.73 -23.24
CA GLU B 8 10.44 4.34 -22.04
C GLU B 8 10.06 5.82 -22.00
N LEU B 9 9.40 6.23 -20.92
CA LEU B 9 8.94 7.60 -20.74
C LEU B 9 9.51 8.14 -19.44
N GLN B 10 9.29 9.43 -19.19
CA GLN B 10 9.72 10.02 -17.92
C GLN B 10 9.07 9.31 -16.75
N GLY B 11 9.90 8.68 -15.92
CA GLY B 11 9.42 8.03 -14.72
C GLY B 11 8.82 6.65 -14.88
N ALA B 12 8.78 6.07 -16.09
CA ALA B 12 8.24 4.72 -16.20
C ALA B 12 8.68 4.07 -17.50
N LYS B 13 8.75 2.74 -17.47
CA LYS B 13 8.75 1.92 -18.68
C LYS B 13 7.31 1.47 -18.93
N LEU B 14 6.70 1.96 -20.00
CA LEU B 14 5.32 1.65 -20.34
C LEU B 14 5.30 0.41 -21.23
N ARG B 15 4.61 -0.64 -20.79
CA ARG B 15 4.51 -1.90 -21.53
C ARG B 15 3.14 -1.99 -22.18
N TYR B 16 3.08 -2.57 -23.39
CA TYR B 16 1.83 -2.66 -24.13
C TYR B 16 1.86 -3.86 -25.07
N HIS B 17 0.68 -4.41 -25.32
CA HIS B 17 0.49 -5.42 -26.36
C HIS B 17 0.25 -4.71 -27.68
N GLN B 18 0.82 -5.25 -28.76
CA GLN B 18 0.58 -4.72 -30.10
C GLN B 18 0.26 -5.88 -31.02
N VAL B 19 -0.96 -5.87 -31.59
N VAL B 19 -0.96 -5.88 -31.57
CA VAL B 19 -1.41 -6.95 -32.46
CA VAL B 19 -1.38 -6.92 -32.49
C VAL B 19 -2.12 -6.33 -33.67
C VAL B 19 -2.06 -6.27 -33.69
N GLY B 20 -1.80 -6.81 -34.87
CA GLY B 20 -2.54 -6.41 -36.05
C GLY B 20 -1.81 -5.47 -36.99
N GLN B 21 -2.57 -5.00 -37.98
CA GLN B 21 -2.07 -4.13 -39.03
C GLN B 21 -3.17 -3.13 -39.36
N GLY B 22 -2.76 -1.93 -39.76
CA GLY B 22 -3.70 -0.87 -40.04
C GLY B 22 -3.47 0.34 -39.16
N PRO B 23 -4.41 1.29 -39.21
CA PRO B 23 -4.34 2.47 -38.34
C PRO B 23 -4.26 2.07 -36.87
N VAL B 24 -3.60 2.92 -36.08
CA VAL B 24 -3.41 2.61 -34.66
C VAL B 24 -4.71 2.80 -33.90
N LEU B 25 -5.05 1.82 -33.05
CA LEU B 25 -6.19 1.91 -32.14
C LEU B 25 -5.67 1.54 -30.75
N ILE B 26 -5.69 2.52 -29.84
CA ILE B 26 -5.20 2.34 -28.47
C ILE B 26 -6.36 2.06 -27.52
N PHE B 27 -6.26 0.95 -26.78
CA PHE B 27 -7.23 0.62 -25.73
C PHE B 27 -6.64 0.93 -24.36
N ILE B 28 -7.37 1.70 -23.56
CA ILE B 28 -6.93 2.13 -22.23
C ILE B 28 -7.78 1.40 -21.19
N PRO B 29 -7.19 0.55 -20.35
CA PRO B 29 -7.99 -0.22 -19.39
C PRO B 29 -8.45 0.61 -18.19
N GLY B 30 -9.50 0.10 -17.55
CA GLY B 30 -9.97 0.67 -16.30
C GLY B 30 -9.28 0.09 -15.08
N ALA B 31 -10.05 -0.25 -14.05
CA ALA B 31 -9.49 -0.53 -12.72
C ALA B 31 -8.53 -1.71 -12.70
N ASN B 32 -8.68 -2.68 -13.60
CA ASN B 32 -7.74 -3.79 -13.66
C ASN B 32 -6.36 -3.33 -14.12
N GLY B 33 -6.27 -2.22 -14.85
CA GLY B 33 -5.03 -1.55 -15.17
C GLY B 33 -4.21 -2.15 -16.30
N THR B 34 -4.60 -3.29 -16.84
CA THR B 34 -3.75 -4.02 -17.78
C THR B 34 -4.41 -4.22 -19.14
N GLY B 35 -3.59 -4.23 -20.18
CA GLY B 35 -4.12 -4.36 -21.53
C GLY B 35 -4.57 -5.74 -21.92
N ASP B 36 -4.21 -6.78 -21.15
CA ASP B 36 -4.56 -8.14 -21.55
C ASP B 36 -6.07 -8.36 -21.63
N ILE B 37 -6.85 -7.58 -20.89
CA ILE B 37 -8.30 -7.68 -20.92
C ILE B 37 -8.86 -7.37 -22.30
N PHE B 38 -8.08 -6.72 -23.16
CA PHE B 38 -8.51 -6.40 -24.52
C PHE B 38 -8.01 -7.38 -25.57
N LEU B 39 -7.33 -8.45 -25.19
CA LEU B 39 -6.67 -9.31 -26.19
C LEU B 39 -7.69 -10.08 -27.04
N PRO B 40 -8.73 -10.68 -26.46
CA PRO B 40 -9.75 -11.29 -27.31
C PRO B 40 -10.40 -10.32 -28.28
N LEU B 41 -10.63 -9.08 -27.85
CA LEU B 41 -11.15 -8.06 -28.76
C LEU B 41 -10.13 -7.72 -29.84
N ALA B 42 -8.86 -7.61 -29.46
CA ALA B 42 -7.80 -7.33 -30.43
C ALA B 42 -7.77 -8.39 -31.53
N GLU B 43 -8.03 -9.64 -31.18
CA GLU B 43 -8.01 -10.74 -32.15
C GLU B 43 -9.09 -10.53 -33.20
N GLN B 44 -10.21 -9.93 -32.81
CA GLN B 44 -11.32 -9.64 -33.70
C GLN B 44 -11.06 -8.43 -34.60
N LEU B 45 -10.11 -7.58 -34.23
CA LEU B 45 -9.86 -6.33 -34.94
C LEU B 45 -8.55 -6.31 -35.72
N LYS B 46 -7.72 -7.35 -35.61
CA LYS B 46 -6.32 -7.27 -36.06
C LYS B 46 -6.16 -7.20 -37.58
N ASP B 47 -7.19 -7.55 -38.36
CA ASP B 47 -7.06 -7.32 -39.79
C ASP B 47 -7.47 -5.91 -40.19
N HIS B 48 -7.95 -5.10 -39.25
CA HIS B 48 -8.41 -3.74 -39.53
C HIS B 48 -7.58 -2.67 -38.84
N PHE B 49 -7.02 -2.95 -37.67
CA PHE B 49 -6.28 -1.95 -36.93
C PHE B 49 -4.98 -2.56 -36.41
N THR B 50 -3.97 -1.71 -36.23
CA THR B 50 -2.88 -2.03 -35.32
C THR B 50 -3.40 -1.78 -33.91
N VAL B 51 -3.75 -2.85 -33.20
CA VAL B 51 -4.35 -2.73 -31.88
C VAL B 51 -3.25 -2.61 -30.83
N VAL B 52 -3.35 -1.60 -29.98
CA VAL B 52 -2.36 -1.33 -28.94
C VAL B 52 -3.10 -1.34 -27.61
N ALA B 53 -2.80 -2.32 -26.76
CA ALA B 53 -3.49 -2.48 -25.48
C ALA B 53 -2.49 -2.24 -24.35
N VAL B 54 -2.69 -1.15 -23.60
CA VAL B 54 -1.69 -0.62 -22.65
C VAL B 54 -1.86 -1.21 -21.26
N ASP B 55 -0.73 -1.55 -20.62
CA ASP B 55 -0.68 -1.65 -19.16
C ASP B 55 -0.35 -0.26 -18.64
N ARG B 56 -1.31 0.39 -17.99
CA ARG B 56 -1.01 1.73 -17.49
C ARG B 56 0.16 1.65 -16.51
N ARG B 57 0.92 2.76 -16.39
CA ARG B 57 2.28 2.70 -15.86
C ARG B 57 2.38 2.12 -14.44
N ASP B 58 1.32 2.19 -13.65
CA ASP B 58 1.35 1.67 -12.28
C ASP B 58 0.94 0.20 -12.20
N TYR B 59 0.69 -0.46 -13.33
CA TYR B 59 0.10 -1.80 -13.31
C TYR B 59 0.84 -2.76 -14.23
N GLY B 60 0.62 -4.04 -13.97
CA GLY B 60 0.99 -5.07 -14.92
C GLY B 60 2.50 -5.14 -15.11
N GLU B 61 2.91 -5.26 -16.38
CA GLU B 61 4.31 -5.36 -16.75
C GLU B 61 4.97 -4.00 -16.92
N SER B 62 4.21 -2.91 -16.87
CA SER B 62 4.81 -1.59 -16.76
C SER B 62 5.51 -1.44 -15.42
N GLU B 63 6.49 -0.55 -15.36
CA GLU B 63 7.26 -0.38 -14.13
C GLU B 63 7.66 1.07 -13.96
N LEU B 64 7.43 1.62 -12.77
CA LEU B 64 7.91 2.96 -12.48
C LEU B 64 9.42 2.95 -12.35
N THR B 65 10.07 4.03 -12.81
CA THR B 65 11.51 4.19 -12.64
C THR B 65 11.86 5.25 -11.60
N GLU B 66 10.86 5.92 -11.05
CA GLU B 66 11.04 6.85 -9.94
C GLU B 66 9.77 6.72 -9.10
N PRO B 67 9.84 6.95 -7.79
CA PRO B 67 8.64 6.79 -6.95
C PRO B 67 7.56 7.80 -7.30
N LEU B 68 6.31 7.44 -6.98
CA LEU B 68 5.22 8.39 -7.07
C LEU B 68 5.49 9.57 -6.15
N PRO B 69 5.00 10.76 -6.50
CA PRO B 69 5.08 11.89 -5.56
C PRO B 69 4.38 11.54 -4.26
N ASP B 70 4.89 12.09 -3.15
CA ASP B 70 4.26 11.86 -1.86
C ASP B 70 2.80 12.26 -1.85
N SER B 71 2.43 13.30 -2.59
CA SER B 71 1.06 13.79 -2.63
C SER B 71 0.12 12.92 -3.43
N ALA B 72 0.59 11.83 -4.04
CA ALA B 72 -0.31 11.03 -4.89
C ALA B 72 -1.40 10.34 -4.06
N SER B 73 -1.13 10.08 -2.79
CA SER B 73 -2.17 9.48 -1.94
C SER B 73 -3.26 10.49 -1.58
N ASN B 74 -3.06 11.77 -1.87
CA ASN B 74 -4.07 12.75 -1.53
C ASN B 74 -5.26 12.55 -2.47
N PRO B 75 -6.50 12.55 -1.96
CA PRO B 75 -7.64 12.26 -2.83
C PRO B 75 -7.87 13.28 -3.95
N ASP B 76 -7.37 14.51 -3.81
CA ASP B 76 -7.56 15.50 -4.87
C ASP B 76 -6.33 15.66 -5.77
N SER B 77 -5.38 14.73 -5.68
CA SER B 77 -4.22 14.76 -6.56
C SER B 77 -4.66 14.54 -7.99
N ASP B 78 -4.07 15.31 -8.91
CA ASP B 78 -4.27 15.06 -10.33
C ASP B 78 -3.03 14.54 -11.03
N TYR B 79 -1.96 14.21 -10.28
CA TYR B 79 -0.71 13.78 -10.89
C TYR B 79 -0.92 12.54 -11.77
N ARG B 80 -1.55 11.50 -11.23
CA ARG B 80 -1.59 10.22 -11.95
C ARG B 80 -2.44 10.30 -13.21
N VAL B 81 -3.62 10.92 -13.15
CA VAL B 81 -4.49 10.94 -14.32
C VAL B 81 -3.84 11.73 -15.45
N LYS B 82 -3.17 12.84 -15.12
CA LYS B 82 -2.47 13.61 -16.15
C LYS B 82 -1.31 12.83 -16.74
N ARG B 83 -0.56 12.12 -15.89
CA ARG B 83 0.57 11.33 -16.35
C ARG B 83 0.11 10.16 -17.24
N ASP B 84 -0.99 9.50 -16.87
CA ASP B 84 -1.54 8.44 -17.73
C ASP B 84 -1.92 9.00 -19.09
N ALA B 85 -2.55 10.18 -19.11
CA ALA B 85 -2.96 10.77 -20.37
C ALA B 85 -1.75 11.14 -21.21
N GLN B 86 -0.71 11.68 -20.59
CA GLN B 86 0.51 12.00 -21.33
C GLN B 86 1.17 10.74 -21.87
N ASP B 87 1.10 9.63 -21.13
CA ASP B 87 1.61 8.37 -21.64
C ASP B 87 0.91 7.96 -22.91
N ILE B 88 -0.43 8.10 -22.95
CA ILE B 88 -1.15 7.72 -24.16
C ILE B 88 -0.74 8.59 -25.33
N ALA B 89 -0.60 9.90 -25.10
CA ALA B 89 -0.22 10.80 -26.18
C ALA B 89 1.17 10.48 -26.70
N GLU B 90 2.12 10.23 -25.80
N GLU B 90 2.11 10.21 -25.79
CA GLU B 90 3.47 9.89 -26.24
CA GLU B 90 3.47 9.90 -26.20
C GLU B 90 3.49 8.54 -26.95
C GLU B 90 3.54 8.54 -26.89
N LEU B 91 2.70 7.59 -26.47
CA LEU B 91 2.62 6.30 -27.15
C LEU B 91 2.06 6.46 -28.56
N ALA B 92 0.99 7.22 -28.69
CA ALA B 92 0.43 7.51 -30.02
C ALA B 92 1.48 8.12 -30.94
N LYS B 93 2.21 9.13 -30.45
CA LYS B 93 3.21 9.79 -31.29
C LYS B 93 4.32 8.83 -31.69
N SER B 94 4.68 7.91 -30.78
CA SER B 94 5.73 6.94 -31.07
C SER B 94 5.31 5.88 -32.09
N LEU B 95 4.01 5.61 -32.25
CA LEU B 95 3.57 4.57 -33.16
C LEU B 95 2.96 5.07 -34.46
N SER B 96 2.63 6.35 -34.56
CA SER B 96 1.88 6.82 -35.72
C SER B 96 2.20 8.27 -36.00
N ASP B 97 2.33 8.61 -37.27
CA ASP B 97 2.50 10.00 -37.67
C ASP B 97 1.17 10.73 -37.80
N GLU B 98 0.06 10.01 -37.87
CA GLU B 98 -1.29 10.55 -37.94
C GLU B 98 -1.97 10.44 -36.59
N PRO B 99 -3.00 11.26 -36.33
CA PRO B 99 -3.84 11.02 -35.14
C PRO B 99 -4.45 9.63 -35.17
N VAL B 100 -4.68 9.08 -33.98
CA VAL B 100 -5.03 7.67 -33.83
C VAL B 100 -6.44 7.52 -33.24
N TYR B 101 -6.93 6.28 -33.26
CA TYR B 101 -8.19 5.93 -32.62
C TYR B 101 -7.90 5.52 -31.18
N ILE B 102 -8.75 5.96 -30.25
CA ILE B 102 -8.54 5.68 -28.83
C ILE B 102 -9.87 5.28 -28.21
N LEU B 103 -9.87 4.19 -27.44
CA LEU B 103 -11.04 3.81 -26.66
C LEU B 103 -10.58 3.54 -25.24
N GLY B 104 -11.26 4.15 -24.27
CA GLY B 104 -11.05 3.82 -22.87
C GLY B 104 -12.35 3.34 -22.26
N SER B 105 -12.24 2.47 -21.26
CA SER B 105 -13.43 2.04 -20.52
C SER B 105 -13.22 2.29 -19.04
N SER B 106 -14.29 2.68 -18.36
CA SER B 106 -14.25 2.85 -16.89
C SER B 106 -13.22 3.92 -16.55
N SER B 107 -12.32 3.71 -15.58
N SER B 107 -12.32 3.69 -15.58
CA SER B 107 -11.34 4.77 -15.33
CA SER B 107 -11.27 4.65 -15.30
C SER B 107 -10.44 5.01 -16.55
C SER B 107 -10.44 4.99 -16.53
N GLY B 108 -10.32 4.02 -17.46
CA GLY B 108 -9.57 4.26 -18.68
C GLY B 108 -10.25 5.24 -19.61
N SER B 109 -11.59 5.33 -19.54
N SER B 109 -11.58 5.32 -19.53
CA SER B 109 -12.29 6.38 -20.28
CA SER B 109 -12.31 6.36 -20.26
C SER B 109 -12.04 7.77 -19.68
C SER B 109 -12.01 7.74 -19.69
N ILE B 110 -11.77 7.85 -18.38
CA ILE B 110 -11.40 9.12 -17.79
C ILE B 110 -10.01 9.54 -18.27
N VAL B 111 -9.05 8.60 -18.29
CA VAL B 111 -7.78 8.86 -18.94
C VAL B 111 -7.99 9.38 -20.36
N ALA B 112 -8.89 8.73 -21.12
CA ALA B 112 -9.14 9.16 -22.50
C ALA B 112 -9.66 10.58 -22.56
N MET B 113 -10.52 10.97 -21.61
CA MET B 113 -11.01 12.34 -21.57
C MET B 113 -9.87 13.33 -21.39
N HIS B 114 -8.90 13.01 -20.52
CA HIS B 114 -7.76 13.87 -20.32
C HIS B 114 -6.83 13.89 -21.52
N VAL B 115 -6.75 12.79 -22.29
CA VAL B 115 -5.99 12.81 -23.55
C VAL B 115 -6.61 13.82 -24.51
N LEU B 116 -7.93 13.78 -24.65
CA LEU B 116 -8.57 14.72 -25.56
C LEU B 116 -8.40 16.15 -25.08
N LYS B 117 -8.48 16.38 -23.76
CA LYS B 117 -8.38 17.72 -23.21
C LYS B 117 -6.97 18.30 -23.37
N ASP B 118 -5.94 17.49 -23.11
CA ASP B 118 -4.56 17.99 -23.05
C ASP B 118 -3.76 17.72 -24.31
N TYR B 119 -4.12 16.72 -25.11
CA TYR B 119 -3.38 16.36 -26.32
C TYR B 119 -4.35 16.05 -27.46
N PRO B 120 -5.25 16.98 -27.79
CA PRO B 120 -6.23 16.72 -28.86
C PRO B 120 -5.58 16.40 -30.20
N GLU B 121 -4.34 16.86 -30.42
CA GLU B 121 -3.67 16.69 -31.70
C GLU B 121 -3.39 15.23 -32.02
N VAL B 122 -3.40 14.34 -31.02
CA VAL B 122 -3.14 12.93 -31.27
C VAL B 122 -4.41 12.12 -31.51
N VAL B 123 -5.58 12.73 -31.38
CA VAL B 123 -6.84 11.99 -31.39
C VAL B 123 -7.50 12.15 -32.76
N LYS B 124 -7.69 11.05 -33.47
CA LYS B 124 -8.53 11.09 -34.68
C LYS B 124 -9.99 10.90 -34.30
N LYS B 125 -10.29 9.83 -33.59
CA LYS B 125 -11.61 9.59 -33.00
C LYS B 125 -11.39 8.96 -31.64
N ILE B 126 -12.33 9.18 -30.73
CA ILE B 126 -12.17 8.66 -29.38
C ILE B 126 -13.52 8.17 -28.87
N ALA B 127 -13.50 7.12 -28.05
CA ALA B 127 -14.71 6.56 -27.49
C ALA B 127 -14.58 6.45 -25.98
N PHE B 128 -15.61 6.90 -25.28
CA PHE B 128 -15.68 6.78 -23.82
C PHE B 128 -16.70 5.68 -23.50
N HIS B 129 -16.20 4.51 -23.10
CA HIS B 129 -17.08 3.40 -22.73
C HIS B 129 -17.33 3.45 -21.23
N GLU B 130 -18.58 3.66 -20.84
CA GLU B 130 -19.05 3.63 -19.44
C GLU B 130 -18.13 4.33 -18.44
N PRO B 131 -18.01 5.65 -18.54
CA PRO B 131 -17.16 6.41 -17.62
C PRO B 131 -17.82 6.56 -16.26
N PRO B 132 -17.06 6.47 -15.18
CA PRO B 132 -17.63 6.70 -13.85
C PRO B 132 -17.27 8.06 -13.25
N ILE B 133 -16.88 9.02 -14.10
CA ILE B 133 -16.54 10.36 -13.61
C ILE B 133 -17.80 11.09 -13.15
N ASN B 134 -17.70 11.84 -12.06
CA ASN B 134 -18.85 12.54 -11.52
C ASN B 134 -18.72 14.06 -11.48
N THR B 135 -17.55 14.60 -11.84
CA THR B 135 -17.21 15.97 -11.44
C THR B 135 -18.22 16.99 -11.99
N PHE B 136 -18.68 16.77 -13.22
CA PHE B 136 -19.57 17.71 -13.89
C PHE B 136 -21.05 17.36 -13.73
N LEU B 137 -21.40 16.32 -12.97
CA LEU B 137 -22.79 15.94 -12.82
C LEU B 137 -23.52 16.96 -11.94
N PRO B 138 -24.85 17.06 -12.08
CA PRO B 138 -25.60 17.97 -11.19
C PRO B 138 -25.74 17.46 -9.77
N ASP B 139 -25.47 16.18 -9.52
CA ASP B 139 -25.48 15.58 -8.20
C ASP B 139 -24.11 15.02 -7.85
N SER B 140 -23.07 15.72 -8.31
CA SER B 140 -21.69 15.32 -8.07
C SER B 140 -21.39 15.09 -6.59
N THR B 141 -21.92 15.96 -5.70
CA THR B 141 -21.66 15.79 -4.27
C THR B 141 -22.05 14.40 -3.80
N TYR B 142 -23.26 13.96 -4.17
CA TYR B 142 -23.73 12.65 -3.74
C TYR B 142 -22.73 11.56 -4.13
N TRP B 143 -22.30 11.57 -5.40
CA TRP B 143 -21.44 10.51 -5.89
C TRP B 143 -20.03 10.63 -5.35
N LYS B 144 -19.48 11.84 -5.30
CA LYS B 144 -18.14 12.04 -4.76
C LYS B 144 -18.07 11.59 -3.32
N ASP B 145 -19.04 12.03 -2.50
CA ASP B 145 -19.02 11.68 -1.09
C ASP B 145 -19.13 10.17 -0.90
N LYS B 146 -19.91 9.50 -1.75
CA LYS B 146 -20.03 8.05 -1.63
C LYS B 146 -18.69 7.37 -1.89
N ASN B 147 -17.96 7.81 -2.92
CA ASN B 147 -16.64 7.25 -3.17
C ASN B 147 -15.71 7.50 -2.00
N ASP B 148 -15.69 8.74 -1.49
CA ASP B 148 -14.81 9.07 -0.38
C ASP B 148 -15.14 8.22 0.84
N ASP B 149 -16.43 8.01 1.10
CA ASP B 149 -16.86 7.24 2.28
C ASP B 149 -16.46 5.78 2.19
N ILE B 150 -16.64 5.15 1.02
CA ILE B 150 -16.28 3.73 0.88
C ILE B 150 -14.78 3.55 1.00
N VAL B 151 -14.00 4.43 0.39
CA VAL B 151 -12.56 4.37 0.53
C VAL B 151 -12.13 4.56 1.99
N HIS B 152 -12.71 5.55 2.67
CA HIS B 152 -12.38 5.79 4.07
C HIS B 152 -12.71 4.57 4.94
N GLN B 153 -13.79 3.87 4.62
CA GLN B 153 -14.18 2.70 5.39
C GLN B 153 -13.13 1.61 5.27
N ILE B 154 -12.66 1.36 4.04
CA ILE B 154 -11.71 0.27 3.81
C ILE B 154 -10.33 0.64 4.36
N LEU B 155 -9.86 1.85 4.03
CA LEU B 155 -8.48 2.21 4.36
C LEU B 155 -8.27 2.62 5.80
N THR B 156 -9.31 3.10 6.50
CA THR B 156 -9.07 3.60 7.86
C THR B 156 -10.03 3.03 8.89
N GLU B 157 -11.31 2.87 8.56
CA GLU B 157 -12.27 2.54 9.61
C GLU B 157 -12.18 1.09 10.05
N GLY B 158 -11.95 0.16 9.11
CA GLY B 158 -11.76 -1.22 9.51
C GLY B 158 -10.62 -1.38 10.49
N LEU B 159 -9.53 -0.64 10.27
CA LEU B 159 -8.39 -0.68 11.16
C LEU B 159 -8.72 -0.08 12.52
N GLU B 160 -9.47 1.03 12.53
CA GLU B 160 -9.83 1.68 13.79
C GLU B 160 -10.67 0.75 14.65
N LYS B 161 -11.74 0.19 14.08
CA LYS B 161 -12.59 -0.72 14.82
C LYS B 161 -11.83 -1.96 15.25
N GLY B 162 -11.01 -2.52 14.35
CA GLY B 162 -10.32 -3.76 14.65
C GLY B 162 -9.22 -3.60 15.68
N MET B 163 -8.44 -2.52 15.59
CA MET B 163 -7.39 -2.32 16.58
C MET B 163 -7.92 -2.06 17.98
N LYS B 164 -9.11 -1.47 18.08
CA LYS B 164 -9.67 -1.24 19.41
C LYS B 164 -10.06 -2.56 20.07
N THR B 165 -10.70 -3.46 19.32
CA THR B 165 -10.98 -4.80 19.83
C THR B 165 -9.68 -5.54 20.12
N PHE B 166 -8.70 -5.44 19.22
CA PHE B 166 -7.44 -6.17 19.37
C PHE B 166 -6.71 -5.72 20.63
N GLY B 167 -6.69 -4.41 20.87
CA GLY B 167 -6.05 -3.91 22.09
C GLY B 167 -6.71 -4.47 23.33
N GLU B 168 -8.04 -4.65 23.28
CA GLU B 168 -8.73 -5.28 24.39
C GLU B 168 -8.32 -6.74 24.56
N THR B 169 -8.19 -7.47 23.44
CA THR B 169 -7.74 -8.85 23.51
C THR B 169 -6.39 -8.97 24.20
N LEU B 170 -5.49 -8.03 23.95
CA LEU B 170 -4.14 -8.06 24.52
C LEU B 170 -4.09 -7.36 25.87
N ASN B 171 -5.21 -6.82 26.35
CA ASN B 171 -5.27 -6.13 27.65
C ASN B 171 -4.31 -4.93 27.68
N ILE B 172 -4.20 -4.23 26.56
CA ILE B 172 -3.37 -3.05 26.47
C ILE B 172 -3.94 -1.95 27.37
N ALA B 173 -3.07 -1.28 28.12
CA ALA B 173 -3.53 -0.26 29.05
C ALA B 173 -4.20 0.88 28.28
N PRO B 174 -5.27 1.47 28.82
CA PRO B 174 -5.96 2.56 28.12
C PRO B 174 -5.06 3.70 27.66
N ILE B 175 -4.07 4.11 28.46
CA ILE B 175 -3.24 5.23 28.04
C ILE B 175 -2.39 4.84 26.83
N ASP B 176 -1.93 3.59 26.78
CA ASP B 176 -1.17 3.13 25.63
C ASP B 176 -2.05 3.06 24.39
N ALA B 177 -3.26 2.53 24.53
CA ALA B 177 -4.15 2.43 23.37
C ALA B 177 -4.48 3.80 22.81
N LYS B 178 -4.71 4.78 23.68
CA LYS B 178 -5.04 6.13 23.24
C LYS B 178 -3.85 6.78 22.52
N MET B 179 -2.65 6.67 23.10
CA MET B 179 -1.44 7.19 22.46
C MET B 179 -1.18 6.52 21.12
N MET B 180 -1.40 5.21 21.04
CA MET B 180 -1.13 4.50 19.80
C MET B 180 -2.15 4.81 18.72
N SER B 181 -3.35 5.24 19.09
CA SER B 181 -4.41 5.54 18.16
C SER B 181 -4.68 7.02 17.99
N GLN B 182 -3.93 7.89 18.66
CA GLN B 182 -4.17 9.33 18.59
C GLN B 182 -4.06 9.82 17.16
N PRO B 183 -5.07 10.47 16.61
CA PRO B 183 -4.99 10.94 15.22
C PRO B 183 -4.03 12.11 15.10
N ALA B 184 -3.21 12.07 14.05
CA ALA B 184 -2.32 13.19 13.75
C ALA B 184 -3.12 14.46 13.46
N ASP B 185 -2.43 15.61 13.54
CA ASP B 185 -3.09 16.91 13.50
C ASP B 185 -3.26 17.48 12.10
N THR B 186 -2.87 16.76 11.05
CA THR B 186 -3.09 17.19 9.68
C THR B 186 -3.76 16.07 8.91
N GLU B 187 -4.41 16.44 7.80
CA GLU B 187 -4.98 15.42 6.94
C GLU B 187 -3.90 14.53 6.34
N GLU B 188 -2.77 15.14 5.92
CA GLU B 188 -1.69 14.36 5.34
C GLU B 188 -1.04 13.46 6.38
N GLY B 189 -0.91 13.94 7.61
CA GLY B 189 -0.37 13.11 8.67
C GLY B 189 -1.26 11.92 8.98
N ARG B 190 -2.58 12.12 8.96
CA ARG B 190 -3.48 11.01 9.20
C ARG B 190 -3.44 10.00 8.07
N ILE B 191 -3.32 10.47 6.82
CA ILE B 191 -3.16 9.52 5.72
C ILE B 191 -1.92 8.66 5.93
N GLU B 192 -0.81 9.28 6.34
CA GLU B 192 0.42 8.53 6.55
C GLU B 192 0.28 7.55 7.71
N GLN B 193 -0.44 7.95 8.77
CA GLN B 193 -0.60 7.08 9.93
C GLN B 193 -1.36 5.81 9.57
N TYR B 194 -2.47 5.97 8.86
CA TYR B 194 -3.24 4.79 8.48
C TYR B 194 -2.47 3.91 7.48
N LYS B 195 -1.76 4.52 6.53
CA LYS B 195 -0.94 3.73 5.63
C LYS B 195 0.08 2.88 6.39
N ARG B 196 0.73 3.49 7.38
CA ARG B 196 1.75 2.78 8.14
C ARG B 196 1.16 1.63 8.94
N THR B 197 -0.03 1.82 9.51
CA THR B 197 -0.64 0.72 10.26
C THR B 197 -1.13 -0.39 9.32
N MET B 198 -1.69 -0.04 8.17
CA MET B 198 -2.05 -1.06 7.17
C MET B 198 -0.83 -1.88 6.75
N PHE B 199 0.32 -1.21 6.58
CA PHE B 199 1.55 -1.93 6.24
C PHE B 199 1.98 -2.86 7.37
N TRP B 200 1.96 -2.33 8.60
CA TRP B 200 2.33 -3.15 9.74
C TRP B 200 1.42 -4.38 9.86
N LEU B 201 0.12 -4.19 9.60
CA LEU B 201 -0.83 -5.31 9.68
C LEU B 201 -0.51 -6.38 8.64
N GLU B 202 -0.20 -5.98 7.41
CA GLU B 202 0.01 -6.97 6.35
C GLU B 202 1.38 -7.62 6.44
N PHE B 203 2.41 -6.82 6.76
CA PHE B 203 3.78 -7.22 6.54
C PHE B 203 4.59 -7.45 7.81
N GLU B 204 4.06 -7.13 8.99
CA GLU B 204 4.87 -7.21 10.21
C GLU B 204 4.25 -8.06 11.31
N ILE B 205 2.99 -7.82 11.69
CA ILE B 205 2.47 -8.42 12.94
C ILE B 205 2.58 -9.94 12.91
N ARG B 206 2.06 -10.59 11.86
CA ARG B 206 2.07 -12.05 11.83
C ARG B 206 3.48 -12.58 11.68
N GLN B 207 4.24 -11.96 10.77
CA GLN B 207 5.57 -12.45 10.41
C GLN B 207 6.53 -12.35 11.60
N TYR B 208 6.40 -11.29 12.39
CA TYR B 208 7.34 -11.08 13.49
C TYR B 208 6.90 -11.84 14.74
N THR B 209 5.60 -11.79 15.08
CA THR B 209 5.16 -12.41 16.33
C THR B 209 5.15 -13.93 16.28
N HIS B 210 5.20 -14.55 15.09
CA HIS B 210 5.34 -15.99 14.99
C HIS B 210 6.67 -16.38 14.34
N SER B 211 7.69 -15.53 14.49
CA SER B 211 9.01 -15.83 13.93
C SER B 211 9.76 -16.85 14.78
N ASN B 212 10.85 -17.37 14.21
CA ASN B 212 11.55 -18.54 14.74
C ASN B 212 12.55 -18.12 15.81
N ILE B 213 12.02 -17.84 17.00
CA ILE B 213 12.82 -17.63 18.20
C ILE B 213 12.36 -18.67 19.22
N THR B 214 13.33 -19.35 19.83
CA THR B 214 13.05 -20.33 20.89
C THR B 214 13.68 -19.88 22.20
N LEU B 215 13.27 -20.52 23.29
CA LEU B 215 13.88 -20.23 24.58
C LEU B 215 15.37 -20.53 24.56
N ASP B 216 15.77 -21.54 23.79
CA ASP B 216 17.18 -21.89 23.66
C ASP B 216 18.00 -20.73 23.09
N ASP B 217 17.38 -19.90 22.25
CA ASP B 217 18.06 -18.71 21.75
C ASP B 217 18.40 -17.74 22.88
N PHE B 218 17.54 -17.65 23.90
CA PHE B 218 17.82 -16.77 25.04
C PHE B 218 18.83 -17.38 25.99
N THR B 219 18.73 -18.68 26.25
CA THR B 219 19.63 -19.31 27.21
C THR B 219 21.08 -19.30 26.75
N LYS B 220 21.36 -19.36 25.44
CA LYS B 220 22.75 -19.33 24.99
C LYS B 220 23.47 -18.05 25.40
N TYR B 221 22.76 -16.94 25.51
CA TYR B 221 23.39 -15.66 25.82
C TYR B 221 22.71 -14.99 27.00
N SER B 222 22.32 -15.79 27.99
CA SER B 222 21.48 -15.26 29.07
C SER B 222 22.16 -14.13 29.85
N ASP B 223 23.49 -14.16 29.98
CA ASP B 223 24.18 -13.08 30.68
C ASP B 223 24.01 -11.71 30.04
N LYS B 224 23.65 -11.64 28.76
CA LYS B 224 23.54 -10.37 28.07
C LYS B 224 22.15 -9.74 28.12
N ILE B 225 21.13 -10.46 28.58
CA ILE B 225 19.73 -10.13 28.33
C ILE B 225 19.09 -9.55 29.59
N THR B 226 18.36 -8.44 29.43
CA THR B 226 17.40 -7.94 30.42
C THR B 226 16.01 -7.89 29.79
N LEU B 227 15.00 -8.36 30.52
CA LEU B 227 13.60 -8.19 30.09
C LEU B 227 13.04 -6.97 30.80
N LEU B 228 12.28 -6.14 30.09
CA LEU B 228 11.73 -4.92 30.67
C LEU B 228 10.21 -4.94 30.61
N ASN B 229 9.58 -4.71 31.76
CA ASN B 229 8.13 -4.58 31.90
C ASN B 229 7.82 -3.17 32.40
N GLY B 230 6.89 -2.50 31.75
CA GLY B 230 6.46 -1.19 32.22
C GLY B 230 5.64 -1.26 33.50
N THR B 231 5.74 -0.22 34.32
CA THR B 231 4.96 -0.16 35.55
C THR B 231 3.51 0.21 35.30
N ASP B 232 3.21 0.85 34.17
CA ASP B 232 1.86 1.33 33.86
C ASP B 232 1.11 0.41 32.91
N SER B 233 1.71 -0.71 32.53
CA SER B 233 1.13 -1.64 31.58
C SER B 233 0.91 -3.02 32.18
N ARG B 234 0.75 -3.11 33.49
N ARG B 234 0.71 -3.10 33.49
CA ARG B 234 0.52 -4.40 34.12
CA ARG B 234 0.47 -4.37 34.15
C ARG B 234 -0.76 -5.05 33.59
C ARG B 234 -0.77 -5.04 33.58
N GLY B 235 -0.74 -6.37 33.50
CA GLY B 235 -1.86 -7.15 33.05
C GLY B 235 -1.92 -7.33 31.55
N SER B 236 -1.01 -6.72 30.80
CA SER B 236 -1.04 -6.79 29.35
C SER B 236 -0.30 -8.02 28.83
N PHE B 237 -0.67 -8.41 27.62
CA PHE B 237 -0.06 -9.61 27.02
C PHE B 237 1.46 -9.53 26.92
N PRO B 238 2.08 -8.42 26.49
CA PRO B 238 3.55 -8.43 26.38
C PRO B 238 4.24 -8.71 27.70
N GLN B 239 3.66 -8.28 28.82
CA GLN B 239 4.28 -8.63 30.10
C GLN B 239 4.21 -10.13 30.37
N ASP B 240 3.13 -10.79 29.94
CA ASP B 240 3.04 -12.24 30.10
C ASP B 240 4.12 -12.94 29.30
N VAL B 241 4.49 -12.41 28.13
CA VAL B 241 5.60 -12.99 27.39
C VAL B 241 6.88 -12.94 28.22
N ASN B 242 7.18 -11.77 28.78
CA ASN B 242 8.36 -11.64 29.65
C ASN B 242 8.26 -12.55 30.87
N PHE B 243 7.08 -12.68 31.47
CA PHE B 243 6.96 -13.59 32.62
C PHE B 243 7.31 -15.02 32.24
N TYR B 244 6.90 -15.45 31.03
CA TYR B 244 7.20 -16.82 30.62
C TYR B 244 8.69 -17.02 30.35
N ILE B 245 9.32 -16.08 29.63
CA ILE B 245 10.77 -16.15 29.44
C ILE B 245 11.48 -16.27 30.77
N ASN B 246 11.09 -15.43 31.74
CA ASN B 246 11.81 -15.40 33.01
C ASN B 246 11.60 -16.71 33.77
N LYS B 247 10.37 -17.23 33.74
CA LYS B 247 10.06 -18.47 34.46
C LYS B 247 10.87 -19.64 33.92
N GLU B 248 11.08 -19.69 32.61
CA GLU B 248 11.75 -20.84 32.01
C GLU B 248 13.27 -20.71 32.00
N THR B 249 13.80 -19.49 32.01
CA THR B 249 15.23 -19.26 31.80
C THR B 249 15.93 -18.59 32.97
N GLY B 250 15.21 -17.97 33.91
CA GLY B 250 15.87 -17.23 34.96
C GLY B 250 16.36 -15.85 34.56
N ILE B 251 16.25 -15.49 33.28
CA ILE B 251 16.70 -14.16 32.85
C ILE B 251 15.86 -13.11 33.58
N PRO B 252 16.48 -12.09 34.17
CA PRO B 252 15.73 -11.20 35.07
C PRO B 252 14.81 -10.24 34.33
N ILE B 253 13.72 -9.90 35.01
CA ILE B 253 12.83 -8.83 34.61
C ILE B 253 13.18 -7.61 35.44
N VAL B 254 13.35 -6.48 34.77
CA VAL B 254 13.52 -5.19 35.42
C VAL B 254 12.29 -4.37 35.10
N ASP B 255 11.69 -3.78 36.12
CA ASP B 255 10.52 -2.94 35.95
C ASP B 255 10.96 -1.52 35.65
N ILE B 256 10.24 -0.86 34.74
CA ILE B 256 10.69 0.43 34.22
C ILE B 256 9.47 1.35 34.10
N PRO B 257 9.62 2.65 34.34
CA PRO B 257 8.44 3.54 34.33
C PRO B 257 7.73 3.62 32.99
N GLY B 258 6.46 4.03 33.07
CA GLY B 258 5.61 4.13 31.89
C GLY B 258 4.96 2.81 31.55
N GLY B 259 4.19 2.83 30.47
CA GLY B 259 3.51 1.66 29.94
C GLY B 259 4.22 1.09 28.74
N HIS B 260 3.43 0.55 27.80
CA HIS B 260 3.98 0.05 26.54
C HIS B 260 4.84 1.09 25.83
N LEU B 261 4.47 2.36 25.94
CA LEU B 261 5.19 3.48 25.34
C LEU B 261 5.98 4.28 26.37
N GLY B 262 6.51 3.59 27.39
CA GLY B 262 7.06 4.28 28.53
C GLY B 262 8.28 5.13 28.20
N TYR B 263 9.04 4.74 27.18
CA TYR B 263 10.25 5.49 26.81
C TYR B 263 9.95 6.91 26.38
N ILE B 264 8.74 7.17 25.87
CA ILE B 264 8.31 8.53 25.56
C ILE B 264 7.33 9.10 26.58
N GLN B 265 6.58 8.25 27.29
CA GLN B 265 5.70 8.73 28.35
C GLN B 265 6.50 9.29 29.52
N LYS B 266 7.58 8.62 29.91
CA LYS B 266 8.35 8.97 31.12
C LYS B 266 9.84 8.84 30.82
N PRO B 267 10.38 9.70 29.95
CA PRO B 267 11.75 9.48 29.49
C PRO B 267 12.79 9.59 30.59
N GLU B 268 12.60 10.45 31.58
CA GLU B 268 13.57 10.56 32.67
C GLU B 268 13.58 9.30 33.52
N GLY B 269 12.42 8.83 33.94
CA GLY B 269 12.37 7.62 34.74
C GLY B 269 12.85 6.40 33.98
N PHE B 270 12.51 6.32 32.70
CA PHE B 270 12.99 5.22 31.85
C PHE B 270 14.51 5.25 31.77
N ALA B 271 15.08 6.42 31.52
CA ALA B 271 16.54 6.55 31.41
C ALA B 271 17.24 6.16 32.71
N ASP B 272 16.66 6.54 33.85
CA ASP B 272 17.30 6.24 35.13
C ASP B 272 17.52 4.75 35.31
N VAL B 273 16.53 3.93 34.91
CA VAL B 273 16.64 2.48 35.00
C VAL B 273 17.70 1.96 34.03
N LEU B 274 17.70 2.46 32.80
CA LEU B 274 18.71 2.06 31.83
C LEU B 274 20.11 2.39 32.34
N LEU B 275 20.26 3.55 32.99
CA LEU B 275 21.57 3.94 33.53
C LEU B 275 21.97 3.05 34.69
N ASN B 276 21.00 2.65 35.51
CA ASN B 276 21.30 1.72 36.59
C ASN B 276 21.69 0.36 36.03
N MET B 277 21.06 -0.04 34.92
CA MET B 277 21.34 -1.34 34.32
C MET B 277 22.73 -1.36 33.70
N TRP B 278 23.06 -0.32 32.93
CA TRP B 278 24.15 -0.36 31.97
C TRP B 278 25.16 0.76 32.12
N GLY B 279 24.86 1.79 32.91
CA GLY B 279 25.79 2.89 33.09
C GLY B 279 26.96 2.56 33.99
C17 ZUV C . -6.97 2.34 15.51
C16 ZUV C . -5.71 3.17 15.66
C15 ZUV C . -3.05 0.81 18.15
C14 ZUV C . -3.61 0.37 19.49
C13 ZUV C . -4.20 -1.04 19.34
C18 ZUV C . -7.85 2.31 16.77
C12 ZUV C . -3.43 -2.04 20.22
C11 ZUV C . -2.09 -2.37 19.58
C10 ZUV C . -1.61 -3.74 20.04
C19 ZUV C . -8.54 2.29 17.73
C1 ZUV C . 5.08 0.84 19.46
C2 ZUV C . 4.41 -0.44 19.93
C3 ZUV C . -3.60 1.91 16.14
C6 ZUV C . 2.53 -3.23 19.39
C7 ZUV C . 2.14 -4.68 19.67
C8 ZUV C . 0.61 -4.80 19.47
C9 ZUV C . -0.10 -3.72 20.28
N7 ZUV C . -4.57 2.41 15.19
O1 ZUV C . -3.96 1.65 17.47
O3 ZUV C . 4.53 -1.36 18.88
O5 ZUV C . 4.87 -3.57 17.84
O6 ZUV C . -2.48 1.72 15.78
P4 ZUV C . 4.36 -2.98 19.08
MG MG D . -20.20 -3.67 -40.16
MG MG E . -1.91 -17.09 28.48
C17 ZUV F . -13.86 -8.02 -4.64
C16 ZUV F . -13.36 -6.83 -5.45
C15 ZUV F . -16.71 -4.93 -6.76
C14 ZUV F . -17.59 -4.36 -7.86
C13 ZUV F . -16.90 -3.16 -8.52
C18 ZUV F . -12.99 -8.18 -3.39
C12 ZUV F . -17.57 -1.88 -8.06
C11 ZUV F . -17.70 -0.91 -9.22
C10 ZUV F . -17.03 0.42 -8.84
C19 ZUV F . -12.30 -8.28 -2.43
C1 ZUV F . -12.63 -2.70 -15.22
C2 ZUV F . -13.66 -1.60 -14.93
C3 ZUV F . -14.75 -6.02 -7.44
C6 ZUV F . -14.90 0.58 -12.38
C7 ZUV F . -14.19 -0.25 -11.32
C8 ZUV F . -15.09 -0.47 -10.11
C9 ZUV F . -15.95 0.77 -9.86
N7 ZUV F . -13.81 -6.95 -6.83
O1 ZUV F . -16.12 -6.12 -7.17
O3 ZUV F . -13.00 -0.59 -14.19
O5 ZUV F . -12.57 1.69 -13.39
O6 ZUV F . -14.36 -5.19 -8.18
P4 ZUV F . -13.70 0.86 -13.77
MG MG G . -12.41 8.54 10.07
#